data_7RXE
#
_entry.id   7RXE
#
_cell.length_a   63.121
_cell.length_b   63.121
_cell.length_c   149.677
_cell.angle_alpha   90.000
_cell.angle_beta   90.000
_cell.angle_gamma   120.000
#
_symmetry.space_group_name_H-M   'P 32 2 1'
#
loop_
_entity.id
_entity.type
_entity.pdbx_description
1 polymer 'Junctophilin-2 N-terminal fragment'
2 non-polymer 'ISOPROPYL ALCOHOL'
3 non-polymer 'CITRATE ANION'
4 water water
#
_entity_poly.entity_id   1
_entity_poly.type   'polypeptide(L)'
_entity_poly.pdbx_seq_one_letter_code
;SNAMSGGRFDFDDGGAYCGGWEGGKAHGHGLCTGPKGQGEYSGSWNFGFEVAGVYTWPSGNTFEGYWSQGKRHGLGIETK
GRWLYKGEWTHGFKGRYGIRQSSSSGAKYEGTWNNGLQDGYGTETYADGGTYQGQFTNGMRHGYGVRQSVPYGMAVVVRS
PLRTEAAPFEADIDATTTETYMGEWKNDKRSGFGVSERSSGLRYEGEWLDNLRHGYGCTTLPDGHREEGKYRHNVLVKDT
KRRMLQLKSNKVRQKVEHSVEGAQRAAAIARQKAEIAASRTSHAKAKAEAAEQAALAANQESNIARTLARELAPDFYQPG
PEYQKRR
;
_entity_poly.pdbx_strand_id   A
#
loop_
_chem_comp.id
_chem_comp.type
_chem_comp.name
_chem_comp.formula
FLC non-polymer 'CITRATE ANION' 'C6 H5 O7 -3'
IPA non-polymer 'ISOPROPYL ALCOHOL' 'C3 H8 O'
#
# COMPACT_ATOMS: atom_id res chain seq x y z
N MET A 4 17.82 -42.92 11.18
CA MET A 4 16.96 -43.25 12.31
C MET A 4 15.67 -42.45 12.26
N SER A 5 15.53 -41.49 13.16
CA SER A 5 14.43 -40.53 13.14
C SER A 5 14.91 -39.13 12.77
N GLY A 6 15.94 -39.06 11.92
CA GLY A 6 16.46 -37.81 11.42
C GLY A 6 17.69 -38.01 10.58
N GLY A 7 18.08 -37.01 9.80
CA GLY A 7 19.29 -37.13 9.00
C GLY A 7 19.23 -36.23 7.78
N ARG A 8 19.74 -36.75 6.66
CA ARG A 8 19.93 -35.99 5.43
C ARG A 8 19.34 -36.73 4.25
N PHE A 9 18.92 -35.96 3.24
CA PHE A 9 18.37 -36.52 2.01
C PHE A 9 18.70 -35.59 0.85
N ASP A 10 19.34 -36.14 -0.18
CA ASP A 10 19.73 -35.35 -1.34
C ASP A 10 18.69 -35.50 -2.44
N PHE A 11 18.21 -34.37 -2.96
CA PHE A 11 17.21 -34.37 -4.01
C PHE A 11 17.85 -34.60 -5.37
N ASP A 12 17.00 -34.97 -6.34
CA ASP A 12 17.49 -35.16 -7.70
C ASP A 12 17.96 -33.84 -8.31
N ASP A 13 17.17 -32.78 -8.17
CA ASP A 13 17.55 -31.51 -8.77
C ASP A 13 18.65 -30.79 -7.99
N GLY A 14 19.30 -31.48 -7.06
CA GLY A 14 20.18 -30.82 -6.11
C GLY A 14 19.38 -30.27 -4.94
N GLY A 15 20.11 -29.74 -3.96
CA GLY A 15 19.44 -29.30 -2.75
C GLY A 15 18.96 -30.48 -1.92
N ALA A 16 19.10 -30.39 -0.60
CA ALA A 16 18.87 -31.52 0.29
C ALA A 16 17.84 -31.17 1.35
N TYR A 17 17.38 -32.19 2.06
CA TYR A 17 16.69 -32.03 3.33
C TYR A 17 17.54 -32.65 4.43
N CYS A 18 17.56 -32.01 5.60
CA CYS A 18 18.36 -32.50 6.72
C CYS A 18 17.65 -32.07 7.99
N GLY A 19 17.00 -33.02 8.64
CA GLY A 19 16.27 -32.73 9.86
C GLY A 19 15.39 -33.90 10.25
N GLY A 20 14.65 -33.70 11.34
CA GLY A 20 13.74 -34.72 11.82
C GLY A 20 12.79 -35.23 10.77
N TRP A 21 12.50 -36.52 10.81
CA TRP A 21 11.49 -37.11 9.94
C TRP A 21 10.85 -38.28 10.66
N GLU A 22 9.60 -38.57 10.29
CA GLU A 22 8.85 -39.60 10.98
C GLU A 22 7.68 -40.00 10.09
N GLY A 23 7.53 -41.30 9.87
CA GLY A 23 6.56 -41.75 8.89
C GLY A 23 6.94 -41.42 7.48
N GLY A 24 8.23 -41.33 7.19
CA GLY A 24 8.71 -41.02 5.85
C GLY A 24 8.55 -39.58 5.42
N LYS A 25 8.24 -38.66 6.33
CA LYS A 25 8.04 -37.26 5.99
C LYS A 25 8.80 -36.38 6.97
N ALA A 26 9.25 -35.23 6.47
CA ALA A 26 9.87 -34.25 7.34
C ALA A 26 8.90 -33.91 8.47
N HIS A 27 9.42 -33.84 9.69
CA HIS A 27 8.60 -33.68 10.88
C HIS A 27 9.49 -33.27 12.05
N GLY A 28 9.14 -32.17 12.71
CA GLY A 28 9.91 -31.61 13.80
C GLY A 28 10.60 -30.33 13.37
N HIS A 29 11.87 -30.45 12.98
CA HIS A 29 12.64 -29.32 12.50
C HIS A 29 13.58 -29.79 11.41
N GLY A 30 14.01 -28.87 10.56
CA GLY A 30 15.02 -29.19 9.58
C GLY A 30 15.14 -28.12 8.52
N LEU A 31 16.23 -28.23 7.77
CA LEU A 31 16.49 -27.38 6.62
C LEU A 31 16.14 -28.11 5.33
N CYS A 32 15.87 -27.33 4.29
CA CYS A 32 15.56 -27.90 2.97
C CYS A 32 15.90 -26.86 1.91
N THR A 33 17.00 -27.09 1.19
CA THR A 33 17.43 -26.21 0.12
C THR A 33 16.69 -26.54 -1.17
N GLY A 34 16.71 -25.58 -2.11
CA GLY A 34 16.07 -25.74 -3.39
C GLY A 34 17.02 -26.27 -4.45
N PRO A 35 16.56 -26.31 -5.71
CA PRO A 35 17.37 -26.89 -6.79
C PRO A 35 18.77 -26.30 -6.85
N LYS A 36 19.77 -27.18 -6.97
CA LYS A 36 21.18 -26.81 -6.96
C LYS A 36 21.61 -26.22 -5.61
N GLY A 37 20.82 -26.48 -4.56
CA GLY A 37 21.14 -25.95 -3.25
C GLY A 37 20.89 -24.47 -3.10
N GLN A 38 20.06 -23.89 -3.98
CA GLN A 38 19.76 -22.47 -3.96
C GLN A 38 18.44 -22.23 -3.24
N GLY A 39 18.45 -21.32 -2.26
CA GLY A 39 17.27 -21.04 -1.48
C GLY A 39 17.08 -22.03 -0.35
N GLU A 40 16.73 -21.53 0.84
CA GLU A 40 16.75 -22.34 2.05
C GLU A 40 15.54 -22.02 2.92
N TYR A 41 14.74 -23.04 3.23
CA TYR A 41 13.81 -22.99 4.36
C TYR A 41 14.48 -23.60 5.57
N SER A 42 14.10 -23.10 6.75
CA SER A 42 14.70 -23.55 8.02
C SER A 42 13.70 -23.23 9.12
N GLY A 43 13.12 -24.27 9.71
CA GLY A 43 12.12 -24.10 10.75
C GLY A 43 11.47 -25.43 11.09
N SER A 44 10.28 -25.33 11.69
CA SER A 44 9.47 -26.48 12.03
C SER A 44 8.84 -27.10 10.78
N TRP A 45 8.48 -28.38 10.91
CA TRP A 45 7.72 -29.09 9.90
C TRP A 45 6.68 -29.95 10.59
N ASN A 46 5.75 -30.45 9.78
CA ASN A 46 4.72 -31.38 10.25
C ASN A 46 4.29 -32.22 9.05
N PHE A 47 4.84 -33.43 8.95
CA PHE A 47 4.42 -34.38 7.93
C PHE A 47 4.63 -33.84 6.53
N GLY A 48 5.84 -33.37 6.25
CA GLY A 48 6.24 -32.97 4.92
C GLY A 48 6.00 -31.52 4.56
N PHE A 49 5.44 -30.71 5.47
CA PHE A 49 5.03 -29.34 5.15
C PHE A 49 5.54 -28.37 6.21
N GLU A 50 6.13 -27.27 5.76
CA GLU A 50 6.64 -26.27 6.70
C GLU A 50 5.50 -25.73 7.54
N VAL A 51 5.77 -25.53 8.83
CA VAL A 51 4.77 -24.95 9.73
C VAL A 51 5.12 -23.50 9.99
N ALA A 52 6.28 -23.27 10.61
CA ALA A 52 6.70 -21.93 11.02
C ALA A 52 8.20 -21.85 10.82
N GLY A 53 8.64 -20.95 9.95
CA GLY A 53 10.05 -20.96 9.61
C GLY A 53 10.44 -19.78 8.78
N VAL A 54 11.71 -19.77 8.38
CA VAL A 54 12.32 -18.68 7.65
C VAL A 54 12.78 -19.20 6.29
N TYR A 55 12.27 -18.62 5.22
CA TYR A 55 12.81 -18.89 3.90
C TYR A 55 13.79 -17.78 3.52
N THR A 56 14.93 -18.19 2.97
CA THR A 56 15.94 -17.26 2.50
C THR A 56 16.17 -17.53 1.02
N TRP A 57 16.01 -16.51 0.21
CA TRP A 57 16.42 -16.59 -1.18
C TRP A 57 17.91 -16.39 -1.28
N PRO A 58 18.54 -16.87 -2.36
CA PRO A 58 19.97 -16.60 -2.52
C PRO A 58 20.29 -15.11 -2.53
N SER A 59 19.33 -14.28 -2.92
CA SER A 59 19.50 -12.83 -2.90
C SER A 59 19.67 -12.28 -1.48
N GLY A 60 19.42 -13.08 -0.45
CA GLY A 60 19.36 -12.58 0.90
C GLY A 60 17.98 -12.15 1.35
N ASN A 61 17.01 -12.10 0.46
CA ASN A 61 15.64 -11.79 0.85
C ASN A 61 15.07 -12.95 1.67
N THR A 62 14.09 -12.63 2.52
CA THR A 62 13.57 -13.60 3.47
C THR A 62 12.08 -13.39 3.69
N PHE A 63 11.39 -14.51 3.93
CA PHE A 63 10.09 -14.53 4.59
C PHE A 63 10.27 -15.18 5.95
N GLU A 64 9.78 -14.51 7.00
CA GLU A 64 9.81 -15.02 8.37
C GLU A 64 8.38 -15.09 8.88
N GLY A 65 7.85 -16.30 9.06
CA GLY A 65 6.48 -16.38 9.52
C GLY A 65 5.91 -17.77 9.39
N TYR A 66 4.60 -17.83 9.16
CA TYR A 66 3.85 -19.09 9.20
C TYR A 66 3.49 -19.55 7.81
N TRP A 67 3.37 -20.87 7.66
CA TRP A 67 3.18 -21.49 6.37
C TRP A 67 1.97 -22.44 6.39
N SER A 68 1.52 -22.79 5.20
CA SER A 68 0.48 -23.79 4.99
C SER A 68 0.48 -24.17 3.51
N GLN A 69 0.46 -25.48 3.23
CA GLN A 69 0.49 -26.01 1.86
C GLN A 69 1.62 -25.41 1.04
N GLY A 70 2.73 -25.08 1.68
CA GLY A 70 3.86 -24.50 0.99
C GLY A 70 3.76 -23.03 0.65
N LYS A 71 2.66 -22.41 1.09
CA LYS A 71 2.43 -20.98 0.83
C LYS A 71 2.54 -20.17 2.11
N ARG A 72 3.03 -18.94 2.01
CA ARG A 72 3.03 -18.04 3.17
C ARG A 72 1.58 -17.84 3.60
N HIS A 73 1.24 -18.27 4.81
CA HIS A 73 -0.17 -18.21 5.28
C HIS A 73 -0.21 -17.84 6.75
N GLY A 74 -1.05 -16.89 7.11
CA GLY A 74 -1.09 -16.40 8.49
C GLY A 74 -0.28 -15.13 8.62
N LEU A 75 0.55 -15.03 9.64
CA LEU A 75 1.34 -13.83 9.84
C LEU A 75 2.79 -14.08 9.43
N GLY A 76 3.48 -13.00 9.04
CA GLY A 76 4.82 -13.13 8.54
C GLY A 76 5.38 -11.82 8.01
N ILE A 77 6.70 -11.78 7.87
CA ILE A 77 7.38 -10.56 7.37
C ILE A 77 8.22 -10.94 6.15
N GLU A 78 7.99 -10.24 5.03
CA GLU A 78 8.78 -10.44 3.81
C GLU A 78 9.72 -9.25 3.66
N THR A 79 11.01 -9.53 3.71
CA THR A 79 12.02 -8.46 3.53
C THR A 79 12.62 -8.64 2.14
N LYS A 80 12.43 -7.66 1.28
CA LYS A 80 13.04 -7.68 -0.07
C LYS A 80 13.98 -6.47 -0.17
N GLY A 81 14.57 -6.24 -1.34
CA GLY A 81 15.56 -5.19 -1.48
C GLY A 81 15.07 -3.82 -1.05
N ARG A 82 13.98 -3.35 -1.65
CA ARG A 82 13.50 -2.00 -1.41
C ARG A 82 12.17 -1.95 -0.70
N TRP A 83 11.57 -3.11 -0.39
CA TRP A 83 10.22 -3.15 0.16
C TRP A 83 10.13 -4.22 1.23
N LEU A 84 9.22 -3.99 2.17
CA LEU A 84 9.03 -4.86 3.32
C LEU A 84 7.53 -4.94 3.58
N TYR A 85 7.01 -6.15 3.78
CA TYR A 85 5.61 -6.32 4.14
C TYR A 85 5.53 -7.04 5.47
N LYS A 86 4.68 -6.52 6.37
CA LYS A 86 4.42 -7.10 7.68
C LYS A 86 2.91 -7.21 7.87
N GLY A 87 2.43 -8.37 8.26
CA GLY A 87 1.01 -8.54 8.48
C GLY A 87 0.55 -9.93 8.07
N GLU A 88 -0.70 -9.99 7.60
CA GLU A 88 -1.36 -11.24 7.29
C GLU A 88 -1.06 -11.69 5.87
N TRP A 89 -1.01 -13.01 5.68
CA TRP A 89 -0.87 -13.60 4.36
C TRP A 89 -1.98 -14.62 4.18
N THR A 90 -2.53 -14.69 2.97
CA THR A 90 -3.59 -15.64 2.66
C THR A 90 -3.14 -16.45 1.45
N HIS A 91 -2.71 -17.68 1.71
CA HIS A 91 -2.31 -18.63 0.68
C HIS A 91 -1.32 -18.01 -0.29
N GLY A 92 -0.28 -17.41 0.28
CA GLY A 92 0.81 -16.86 -0.49
C GLY A 92 0.64 -15.43 -0.95
N PHE A 93 -0.51 -14.81 -0.69
CA PHE A 93 -0.79 -13.45 -1.13
C PHE A 93 -0.84 -12.52 0.06
N LYS A 94 -0.24 -11.33 -0.07
CA LYS A 94 -0.36 -10.32 0.97
C LYS A 94 -1.82 -10.03 1.23
N GLY A 95 -2.21 -10.05 2.52
CA GLY A 95 -3.58 -9.73 2.92
C GLY A 95 -4.11 -10.71 3.92
N ARG A 96 -5.18 -10.39 4.65
CA ARG A 96 -6.04 -9.23 4.40
C ARG A 96 -5.51 -7.89 4.93
N TYR A 97 -4.95 -7.89 6.14
CA TYR A 97 -4.43 -6.70 6.80
C TYR A 97 -2.90 -6.78 6.87
N GLY A 98 -2.24 -5.65 6.64
CA GLY A 98 -0.79 -5.60 6.70
C GLY A 98 -0.26 -4.30 6.12
N ILE A 99 1.04 -4.09 6.27
CA ILE A 99 1.69 -2.87 5.83
C ILE A 99 2.86 -3.20 4.92
N ARG A 100 3.03 -2.39 3.87
CA ARG A 100 4.21 -2.46 3.01
C ARG A 100 4.96 -1.15 3.14
N GLN A 101 6.26 -1.23 3.47
CA GLN A 101 7.08 -0.05 3.72
CA GLN A 101 7.04 -0.01 3.65
C GLN A 101 8.33 -0.10 2.85
N SER A 102 8.82 1.08 2.47
CA SER A 102 10.04 1.23 1.68
C SER A 102 11.26 1.22 2.59
N SER A 103 12.30 0.51 2.15
CA SER A 103 13.60 0.62 2.81
C SER A 103 14.24 1.98 2.56
N SER A 104 13.95 2.60 1.42
CA SER A 104 14.53 3.89 1.06
C SER A 104 13.78 5.06 1.71
N SER A 105 12.50 5.21 1.37
CA SER A 105 11.73 6.40 1.69
C SER A 105 10.78 6.14 2.86
N GLY A 106 10.00 7.17 3.20
CA GLY A 106 8.91 6.98 4.12
C GLY A 106 7.65 6.49 3.42
N ALA A 107 7.82 5.99 2.18
CA ALA A 107 6.68 5.56 1.38
C ALA A 107 6.12 4.25 1.93
N LYS A 108 4.79 4.17 2.00
CA LYS A 108 4.17 3.19 2.87
C LYS A 108 2.69 2.99 2.51
N TYR A 109 2.21 1.76 2.63
CA TYR A 109 0.79 1.48 2.60
C TYR A 109 0.41 0.72 3.86
N GLU A 110 -0.69 1.13 4.48
CA GLU A 110 -1.17 0.55 5.73
C GLU A 110 -2.68 0.38 5.62
N GLY A 111 -3.13 -0.84 5.38
CA GLY A 111 -4.55 -1.10 5.20
C GLY A 111 -4.85 -2.54 4.81
N THR A 112 -5.89 -2.69 4.00
CA THR A 112 -6.39 -4.00 3.59
C THR A 112 -5.92 -4.31 2.18
N TRP A 113 -5.89 -5.61 1.88
CA TRP A 113 -5.48 -6.09 0.58
C TRP A 113 -6.46 -7.15 0.09
N ASN A 114 -6.72 -7.15 -1.21
CA ASN A 114 -7.51 -8.21 -1.84
C ASN A 114 -6.71 -8.75 -3.02
N ASN A 115 -6.54 -10.06 -3.08
CA ASN A 115 -5.80 -10.71 -4.16
C ASN A 115 -4.37 -10.18 -4.25
N GLY A 116 -3.77 -9.82 -3.13
CA GLY A 116 -2.39 -9.38 -3.14
C GLY A 116 -2.17 -7.96 -3.59
N LEU A 117 -3.23 -7.18 -3.76
CA LEU A 117 -3.13 -5.78 -4.16
C LEU A 117 -3.83 -4.90 -3.14
N GLN A 118 -3.33 -3.68 -2.99
CA GLN A 118 -3.96 -2.68 -2.13
C GLN A 118 -5.43 -2.54 -2.50
N ASP A 119 -6.33 -2.74 -1.54
CA ASP A 119 -7.72 -2.85 -1.90
C ASP A 119 -8.63 -2.86 -0.68
N GLY A 120 -9.71 -2.05 -0.70
CA GLY A 120 -10.60 -1.87 0.43
C GLY A 120 -10.46 -0.49 1.06
N TYR A 121 -9.71 -0.41 2.16
CA TYR A 121 -9.43 0.83 2.87
C TYR A 121 -7.98 0.78 3.34
N GLY A 122 -7.30 1.91 3.32
CA GLY A 122 -5.92 1.95 3.74
C GLY A 122 -5.42 3.38 3.76
N THR A 123 -4.27 3.54 4.40
CA THR A 123 -3.55 4.81 4.41
C THR A 123 -2.30 4.64 3.56
N GLU A 124 -2.14 5.49 2.55
CA GLU A 124 -0.97 5.49 1.70
C GLU A 124 -0.17 6.76 1.94
N THR A 125 1.10 6.59 2.29
CA THR A 125 2.03 7.70 2.47
C THR A 125 3.02 7.67 1.31
N TYR A 126 3.21 8.81 0.68
CA TYR A 126 4.15 8.93 -0.43
C TYR A 126 5.50 9.43 0.05
N ALA A 127 6.52 9.22 -0.79
CA ALA A 127 7.90 9.59 -0.45
C ALA A 127 8.01 11.05 -0.03
N ASP A 128 7.22 11.93 -0.63
CA ASP A 128 7.31 13.34 -0.26
CA ASP A 128 7.25 13.34 -0.30
C ASP A 128 6.56 13.66 1.02
N GLY A 129 6.04 12.65 1.71
CA GLY A 129 5.34 12.85 2.96
C GLY A 129 3.86 13.06 2.85
N GLY A 130 3.33 13.24 1.64
CA GLY A 130 1.89 13.33 1.46
C GLY A 130 1.20 12.00 1.69
N THR A 131 -0.13 12.05 1.83
CA THR A 131 -0.90 10.87 2.19
C THR A 131 -2.21 10.81 1.42
N TYR A 132 -2.70 9.58 1.25
CA TYR A 132 -4.08 9.31 0.86
C TYR A 132 -4.72 8.45 1.93
N GLN A 133 -5.95 8.77 2.30
CA GLN A 133 -6.73 7.96 3.22
C GLN A 133 -8.12 7.80 2.63
N GLY A 134 -8.55 6.56 2.47
CA GLY A 134 -9.83 6.33 1.82
C GLY A 134 -9.85 4.96 1.17
N GLN A 135 -10.62 4.86 0.09
CA GLN A 135 -10.87 3.55 -0.50
C GLN A 135 -9.84 3.23 -1.58
N PHE A 136 -9.62 1.93 -1.78
CA PHE A 136 -8.73 1.41 -2.80
C PHE A 136 -9.43 0.32 -3.58
N THR A 137 -9.09 0.22 -4.86
CA THR A 137 -9.46 -0.94 -5.66
C THR A 137 -8.29 -1.25 -6.60
N ASN A 138 -7.93 -2.52 -6.69
CA ASN A 138 -6.94 -2.98 -7.64
C ASN A 138 -5.65 -2.17 -7.52
N GLY A 139 -5.20 -1.96 -6.29
CA GLY A 139 -3.97 -1.26 -6.03
C GLY A 139 -4.00 0.25 -6.24
N MET A 140 -5.14 0.83 -6.58
CA MET A 140 -5.25 2.27 -6.83
C MET A 140 -6.30 2.91 -5.93
N ARG A 141 -6.12 4.23 -5.74
CA ARG A 141 -7.14 5.10 -5.16
C ARG A 141 -8.40 5.05 -5.99
N HIS A 142 -9.51 4.69 -5.36
CA HIS A 142 -10.71 4.37 -6.11
C HIS A 142 -11.88 4.40 -5.15
N GLY A 143 -12.94 5.12 -5.50
CA GLY A 143 -14.05 5.35 -4.59
C GLY A 143 -13.98 6.75 -4.01
N TYR A 144 -14.16 6.86 -2.70
CA TYR A 144 -14.05 8.12 -1.97
C TYR A 144 -12.77 8.08 -1.14
N GLY A 145 -12.14 9.23 -0.97
CA GLY A 145 -10.87 9.28 -0.28
C GLY A 145 -10.37 10.71 -0.16
N VAL A 146 -9.37 10.88 0.70
CA VAL A 146 -8.80 12.18 0.99
C VAL A 146 -7.31 12.13 0.74
N ARG A 147 -6.83 12.92 -0.21
CA ARG A 147 -5.40 13.02 -0.49
C ARG A 147 -4.90 14.41 -0.15
N GLN A 148 -3.81 14.45 0.61
CA GLN A 148 -3.15 15.70 0.97
C GLN A 148 -1.77 15.68 0.34
N SER A 149 -1.48 16.69 -0.48
CA SER A 149 -0.22 16.72 -1.21
C SER A 149 0.17 18.16 -1.52
N VAL A 150 1.35 18.30 -2.11
CA VAL A 150 1.71 19.55 -2.77
C VAL A 150 0.92 19.66 -4.07
N PRO A 151 0.41 20.84 -4.44
CA PRO A 151 -0.49 21.01 -5.60
C PRO A 151 -0.10 20.23 -6.84
N VAL A 156 2.88 27.26 -12.31
CA VAL A 156 2.21 28.56 -12.47
C VAL A 156 2.69 29.22 -13.78
N VAL A 157 1.86 30.11 -14.33
CA VAL A 157 2.15 30.63 -15.67
C VAL A 157 3.26 31.68 -15.64
N VAL A 158 3.36 32.47 -14.57
CA VAL A 158 4.42 33.46 -14.43
C VAL A 158 5.46 32.89 -13.47
N ARG A 159 6.66 32.64 -13.99
CA ARG A 159 7.73 32.08 -13.17
C ARG A 159 8.54 33.14 -12.44
N SER A 160 8.56 34.39 -12.96
CA SER A 160 9.43 35.47 -12.47
C SER A 160 8.87 36.08 -11.19
N PRO A 161 9.72 36.32 -10.18
CA PRO A 161 9.23 36.90 -8.92
C PRO A 161 9.01 38.40 -8.98
N LEU A 162 9.17 39.02 -10.15
CA LEU A 162 9.00 40.46 -10.27
C LEU A 162 7.69 40.93 -9.63
N ARG A 163 6.58 40.25 -9.97
CA ARG A 163 5.28 40.72 -9.52
C ARG A 163 5.14 40.78 -8.01
N THR A 164 5.99 40.06 -7.26
CA THR A 164 5.98 40.14 -5.81
C THR A 164 7.19 40.87 -5.24
N GLU A 165 8.27 40.99 -6.00
CA GLU A 165 9.45 41.70 -5.52
C GLU A 165 9.26 43.21 -5.55
N ALA A 166 8.12 43.69 -6.05
CA ALA A 166 7.88 45.11 -6.28
C ALA A 166 7.42 45.86 -5.05
N ALA A 167 6.65 45.22 -4.18
CA ALA A 167 6.05 45.86 -3.02
C ALA A 167 6.24 44.99 -1.78
N PRO A 168 6.10 45.57 -0.58
CA PRO A 168 6.30 44.78 0.65
C PRO A 168 5.44 43.54 0.68
N PHE A 169 6.06 42.39 0.93
CA PHE A 169 5.42 41.09 0.79
C PHE A 169 5.67 40.23 2.03
N GLU A 170 4.60 39.74 2.66
CA GLU A 170 4.72 38.91 3.85
C GLU A 170 4.90 37.44 3.51
N THR A 177 3.08 25.17 -0.80
CA THR A 177 2.18 24.81 0.28
C THR A 177 1.37 23.56 -0.07
N THR A 178 0.28 23.31 0.65
CA THR A 178 -0.42 22.04 0.57
C THR A 178 -1.78 22.20 -0.09
N GLU A 179 -2.27 21.08 -0.61
CA GLU A 179 -3.59 21.00 -1.22
C GLU A 179 -4.24 19.69 -0.81
N THR A 180 -5.55 19.77 -0.55
CA THR A 180 -6.32 18.64 -0.04
C THR A 180 -7.51 18.43 -0.96
N TYR A 181 -7.61 17.26 -1.57
CA TYR A 181 -8.76 16.86 -2.37
C TYR A 181 -9.59 15.86 -1.59
N MET A 182 -10.89 16.12 -1.47
CA MET A 182 -11.82 15.22 -0.81
C MET A 182 -12.93 14.92 -1.79
N GLY A 183 -13.03 13.67 -2.22
CA GLY A 183 -14.07 13.39 -3.18
C GLY A 183 -13.86 12.04 -3.86
N GLU A 184 -14.33 11.96 -5.10
CA GLU A 184 -14.39 10.69 -5.82
C GLU A 184 -13.07 10.41 -6.51
N TRP A 185 -12.70 9.15 -6.54
CA TRP A 185 -11.50 8.71 -7.23
C TRP A 185 -11.85 7.59 -8.18
N LYS A 186 -11.21 7.59 -9.35
CA LYS A 186 -11.31 6.50 -10.30
C LYS A 186 -9.92 6.16 -10.77
N ASN A 187 -9.55 4.89 -10.65
CA ASN A 187 -8.24 4.38 -11.04
C ASN A 187 -7.14 5.44 -10.80
N ASP A 188 -7.03 5.85 -9.54
CA ASP A 188 -5.95 6.67 -8.99
C ASP A 188 -6.08 8.15 -9.35
N LYS A 189 -7.14 8.56 -10.04
CA LYS A 189 -7.28 9.92 -10.50
C LYS A 189 -8.52 10.58 -9.90
N ARG A 190 -8.42 11.88 -9.64
CA ARG A 190 -9.57 12.70 -9.29
CA ARG A 190 -9.58 12.68 -9.28
C ARG A 190 -10.59 12.66 -10.42
N SER A 191 -11.76 12.08 -10.17
CA SER A 191 -12.70 11.89 -11.26
C SER A 191 -14.07 11.66 -10.66
N GLY A 192 -15.04 12.47 -11.08
CA GLY A 192 -16.34 12.51 -10.44
C GLY A 192 -16.53 13.81 -9.67
N PHE A 193 -17.34 13.77 -8.61
CA PHE A 193 -17.50 14.94 -7.74
C PHE A 193 -16.41 14.98 -6.68
N GLY A 194 -15.95 16.18 -6.36
CA GLY A 194 -14.95 16.33 -5.34
C GLY A 194 -14.68 17.79 -5.07
N VAL A 195 -14.09 18.04 -3.89
CA VAL A 195 -13.68 19.37 -3.47
C VAL A 195 -12.17 19.37 -3.28
N SER A 196 -11.53 20.44 -3.74
CA SER A 196 -10.08 20.61 -3.64
C SER A 196 -9.79 21.93 -2.97
N GLU A 197 -8.96 21.90 -1.92
CA GLU A 197 -8.71 23.08 -1.10
C GLU A 197 -7.22 23.27 -0.89
N ARG A 198 -6.69 24.40 -1.33
CA ARG A 198 -5.30 24.73 -1.07
C ARG A 198 -5.21 25.53 0.23
N SER A 199 -4.06 25.39 0.90
CA SER A 199 -3.87 26.12 2.15
C SER A 199 -3.90 27.63 1.95
N SER A 200 -3.76 28.11 0.72
CA SER A 200 -3.86 29.55 0.44
C SER A 200 -5.29 30.05 0.53
N GLY A 201 -6.28 29.17 0.41
CA GLY A 201 -7.67 29.56 0.30
C GLY A 201 -8.27 29.28 -1.07
N LEU A 202 -7.44 29.05 -2.08
CA LEU A 202 -7.94 28.69 -3.40
C LEU A 202 -8.65 27.35 -3.35
N ARG A 203 -9.85 27.28 -3.93
CA ARG A 203 -10.74 26.15 -3.73
C ARG A 203 -11.56 25.89 -4.99
N TYR A 204 -11.75 24.62 -5.32
CA TYR A 204 -12.65 24.23 -6.40
C TYR A 204 -13.62 23.19 -5.86
N GLU A 205 -14.91 23.43 -6.07
CA GLU A 205 -15.97 22.46 -5.83
C GLU A 205 -16.68 22.20 -7.15
N GLY A 206 -16.96 20.94 -7.45
CA GLY A 206 -17.63 20.60 -8.70
C GLY A 206 -17.11 19.29 -9.25
N GLU A 207 -17.13 19.18 -10.58
CA GLU A 207 -16.86 17.93 -11.28
C GLU A 207 -15.41 17.85 -11.77
N TRP A 208 -14.87 16.64 -11.72
CA TRP A 208 -13.50 16.34 -12.11
C TRP A 208 -13.48 15.23 -13.15
N LEU A 209 -12.50 15.28 -14.04
CA LEU A 209 -12.17 14.11 -14.85
C LEU A 209 -10.65 14.04 -14.96
N ASP A 210 -10.09 12.86 -14.68
CA ASP A 210 -8.65 12.60 -14.72
C ASP A 210 -7.85 13.78 -14.17
N ASN A 211 -8.17 14.16 -12.94
CA ASN A 211 -7.45 15.17 -12.17
C ASN A 211 -7.69 16.59 -12.67
N LEU A 212 -8.46 16.78 -13.73
CA LEU A 212 -8.75 18.11 -14.24
C LEU A 212 -10.18 18.50 -13.90
N ARG A 213 -10.40 19.80 -13.74
CA ARG A 213 -11.76 20.31 -13.70
C ARG A 213 -12.45 20.03 -15.04
N HIS A 214 -13.57 19.34 -14.99
CA HIS A 214 -14.24 18.91 -16.21
C HIS A 214 -15.72 18.73 -15.91
N GLY A 215 -16.53 19.63 -16.43
CA GLY A 215 -17.92 19.74 -16.06
C GLY A 215 -18.18 21.03 -15.29
N TYR A 216 -19.24 20.99 -14.51
CA TYR A 216 -19.65 22.18 -13.77
C TYR A 216 -19.00 22.22 -12.39
N GLY A 217 -18.72 23.43 -11.94
CA GLY A 217 -18.15 23.64 -10.63
C GLY A 217 -17.86 25.10 -10.42
N CYS A 218 -17.33 25.39 -9.24
CA CYS A 218 -17.00 26.75 -8.85
C CYS A 218 -15.57 26.82 -8.35
N THR A 219 -14.79 27.71 -8.92
CA THR A 219 -13.47 28.02 -8.41
C THR A 219 -13.56 29.29 -7.60
N THR A 220 -13.23 29.20 -6.31
CA THR A 220 -13.28 30.35 -5.42
C THR A 220 -11.85 30.75 -5.06
N LEU A 221 -11.50 32.00 -5.34
CA LEU A 221 -10.17 32.48 -5.02
C LEU A 221 -10.07 32.80 -3.53
N PRO A 222 -8.84 32.85 -2.99
CA PRO A 222 -8.67 33.11 -1.55
C PRO A 222 -9.43 34.32 -1.03
N ASP A 223 -9.41 35.43 -1.77
CA ASP A 223 -10.19 36.62 -1.44
C ASP A 223 -11.69 36.39 -1.56
N GLY A 224 -12.12 35.23 -2.05
CA GLY A 224 -13.52 34.88 -2.10
C GLY A 224 -14.21 35.15 -3.43
N HIS A 225 -13.50 35.62 -4.44
CA HIS A 225 -14.12 35.79 -5.75
C HIS A 225 -14.51 34.43 -6.33
N ARG A 226 -15.78 34.31 -6.75
CA ARG A 226 -16.35 33.05 -7.21
C ARG A 226 -16.37 33.00 -8.73
N GLU A 227 -15.66 32.04 -9.29
CA GLU A 227 -15.72 31.77 -10.73
C GLU A 227 -16.56 30.50 -10.92
N GLU A 228 -17.77 30.68 -11.43
CA GLU A 228 -18.74 29.61 -11.61
C GLU A 228 -18.90 29.33 -13.10
N GLY A 229 -18.82 28.05 -13.48
CA GLY A 229 -19.10 27.74 -14.87
C GLY A 229 -18.87 26.29 -15.22
N LYS A 230 -18.67 26.05 -16.51
CA LYS A 230 -18.37 24.73 -17.04
C LYS A 230 -16.92 24.69 -17.45
N TYR A 231 -16.21 23.66 -17.00
CA TYR A 231 -14.82 23.43 -17.34
C TYR A 231 -14.70 22.24 -18.26
N ARG A 232 -13.75 22.30 -19.19
CA ARG A 232 -13.49 21.22 -20.15
C ARG A 232 -11.99 20.98 -20.15
N HIS A 233 -11.57 19.83 -19.64
CA HIS A 233 -10.14 19.52 -19.45
C HIS A 233 -9.40 20.72 -18.88
N ASN A 234 -9.95 21.24 -17.78
CA ASN A 234 -9.45 22.26 -16.86
C ASN A 234 -9.60 23.69 -17.37
N VAL A 235 -10.17 23.93 -18.54
CA VAL A 235 -10.33 25.27 -19.09
C VAL A 235 -11.81 25.65 -19.04
N LEU A 236 -12.09 26.81 -18.43
CA LEU A 236 -13.45 27.34 -18.39
C LEU A 236 -13.99 27.52 -19.81
N VAL A 237 -15.25 27.12 -20.02
CA VAL A 237 -15.86 27.21 -21.35
C VAL A 237 -17.26 27.80 -21.23
N LYS A 238 -17.76 27.92 -20.00
CA LYS A 238 -19.00 28.62 -19.73
C LYS A 238 -18.86 29.36 -18.41
N ASP A 239 -19.43 30.56 -18.35
CA ASP A 239 -19.48 31.32 -17.10
C ASP A 239 -20.92 31.71 -16.80
N THR A 240 -21.10 32.58 -15.81
CA THR A 240 -22.41 33.01 -15.37
C THR A 240 -22.69 34.47 -15.72
N LYS A 241 -22.01 35.00 -16.72
CA LYS A 241 -22.30 36.36 -17.16
C LYS A 241 -23.61 36.42 -17.95
N ARG A 242 -23.68 35.72 -19.07
CA ARG A 242 -24.91 35.71 -19.88
C ARG A 242 -24.75 34.85 -21.14
N MET A 244 -27.98 36.24 -22.56
CA MET A 244 -27.93 36.41 -24.00
C MET A 244 -28.79 35.38 -24.73
N LEU A 245 -28.21 34.19 -24.92
CA LEU A 245 -28.93 33.04 -25.45
C LEU A 245 -28.91 31.88 -24.46
N GLN A 246 -28.64 32.16 -23.18
CA GLN A 246 -28.82 31.17 -22.14
C GLN A 246 -30.29 30.76 -22.07
N LEU A 247 -30.54 29.45 -22.09
CA LEU A 247 -31.91 28.96 -22.01
C LEU A 247 -32.39 28.90 -20.57
N LYS A 248 -33.67 29.21 -20.36
CA LYS A 248 -34.28 29.04 -19.03
C LYS A 248 -34.09 27.60 -18.55
N SER A 249 -34.16 26.63 -19.46
CA SER A 249 -34.07 25.24 -19.09
C SER A 249 -32.65 24.79 -18.74
N ASN A 250 -31.65 25.64 -18.89
CA ASN A 250 -30.26 25.21 -18.79
C ASN A 250 -29.39 26.36 -18.29
N LYS A 251 -29.70 26.87 -17.09
CA LYS A 251 -28.97 28.01 -16.54
C LYS A 251 -27.66 27.55 -15.87
N VAL A 252 -26.55 28.19 -16.25
CA VAL A 252 -25.25 27.78 -15.72
C VAL A 252 -25.22 27.88 -14.20
N ARG A 253 -25.86 28.92 -13.63
CA ARG A 253 -25.86 29.08 -12.18
C ARG A 253 -26.51 27.90 -11.49
N GLN A 254 -27.59 27.36 -12.07
CA GLN A 254 -28.24 26.18 -11.51
C GLN A 254 -27.32 24.97 -11.57
N LYS A 255 -26.82 24.65 -12.77
CA LYS A 255 -25.97 23.48 -12.95
C LYS A 255 -24.72 23.58 -12.09
N VAL A 256 -24.15 24.77 -11.95
CA VAL A 256 -23.02 24.94 -11.04
C VAL A 256 -23.46 24.60 -9.61
N GLU A 257 -24.62 25.14 -9.21
CA GLU A 257 -25.10 24.90 -7.84
C GLU A 257 -25.29 23.42 -7.58
N HIS A 258 -25.90 22.71 -8.53
CA HIS A 258 -26.08 21.28 -8.39
C HIS A 258 -24.74 20.59 -8.19
N SER A 259 -23.76 20.89 -9.07
CA SER A 259 -22.47 20.23 -8.99
CA SER A 259 -22.48 20.22 -8.99
C SER A 259 -21.74 20.56 -7.71
N VAL A 260 -21.85 21.82 -7.25
CA VAL A 260 -21.24 22.20 -5.99
C VAL A 260 -21.81 21.37 -4.86
N GLU A 261 -23.15 21.23 -4.82
CA GLU A 261 -23.79 20.37 -3.83
C GLU A 261 -23.32 18.92 -3.98
N GLY A 262 -23.30 18.42 -5.21
CA GLY A 262 -22.73 17.09 -5.43
C GLY A 262 -21.32 16.97 -4.91
N ALA A 263 -20.55 18.06 -4.96
CA ALA A 263 -19.14 18.00 -4.59
C ALA A 263 -18.94 18.01 -3.08
N GLN A 264 -19.79 18.74 -2.35
CA GLN A 264 -19.71 18.74 -0.90
C GLN A 264 -20.24 17.43 -0.32
N ARG A 265 -21.26 16.87 -0.95
CA ARG A 265 -21.68 15.53 -0.56
C ARG A 265 -20.53 14.56 -0.71
N ALA A 266 -19.87 14.57 -1.87
CA ALA A 266 -18.74 13.68 -2.10
C ALA A 266 -17.62 13.92 -1.10
N ALA A 267 -17.36 15.18 -0.74
CA ALA A 267 -16.29 15.48 0.21
C ALA A 267 -16.59 14.87 1.58
N ALA A 268 -17.81 15.05 2.07
CA ALA A 268 -18.18 14.48 3.36
C ALA A 268 -18.13 12.95 3.32
N ILE A 269 -18.63 12.35 2.25
CA ILE A 269 -18.50 10.91 2.09
C ILE A 269 -17.03 10.50 2.14
N ALA A 270 -16.17 11.22 1.41
CA ALA A 270 -14.75 10.88 1.38
C ALA A 270 -14.11 11.03 2.76
N ARG A 271 -14.59 11.99 3.55
CA ARG A 271 -14.10 12.13 4.92
C ARG A 271 -14.44 10.89 5.75
N GLN A 272 -15.66 10.38 5.60
CA GLN A 272 -16.07 9.18 6.31
C GLN A 272 -15.18 8.00 5.92
N LYS A 273 -15.09 7.71 4.62
CA LYS A 273 -14.23 6.62 4.17
C LYS A 273 -12.79 6.82 4.64
N ALA A 274 -12.34 8.09 4.72
CA ALA A 274 -11.05 8.38 5.32
C ALA A 274 -10.98 7.89 6.76
N GLU A 275 -12.06 8.09 7.53
CA GLU A 275 -12.07 7.66 8.92
C GLU A 275 -12.08 6.15 9.03
N ILE A 276 -12.82 5.47 8.16
CA ILE A 276 -12.76 4.02 8.11
C ILE A 276 -11.35 3.58 7.76
N ALA A 277 -10.76 4.21 6.75
CA ALA A 277 -9.39 3.87 6.37
C ALA A 277 -8.46 3.97 7.58
N ALA A 278 -8.56 5.09 8.33
CA ALA A 278 -7.72 5.25 9.51
C ALA A 278 -7.92 4.10 10.49
N SER A 279 -9.18 3.69 10.70
CA SER A 279 -9.41 2.56 11.59
C SER A 279 -8.79 1.28 11.05
N ARG A 280 -8.96 1.03 9.75
CA ARG A 280 -8.31 -0.15 9.17
C ARG A 280 -6.80 -0.04 9.25
N THR A 281 -6.26 1.18 9.18
CA THR A 281 -4.81 1.36 9.32
C THR A 281 -4.31 0.90 10.68
N SER A 282 -5.03 1.26 11.76
CA SER A 282 -4.65 0.77 13.08
C SER A 282 -4.64 -0.75 13.12
N HIS A 283 -5.66 -1.38 12.53
CA HIS A 283 -5.72 -2.82 12.50
C HIS A 283 -4.51 -3.40 11.75
N ALA A 284 -4.14 -2.79 10.62
CA ALA A 284 -2.96 -3.27 9.87
C ALA A 284 -1.70 -3.13 10.70
N LYS A 285 -1.56 -2.02 11.44
CA LYS A 285 -0.41 -1.84 12.33
C LYS A 285 -0.40 -2.90 13.43
N ALA A 286 -1.55 -3.09 14.09
CA ALA A 286 -1.67 -4.16 15.07
C ALA A 286 -1.23 -5.50 14.47
N LYS A 287 -1.68 -5.81 13.25
CA LYS A 287 -1.28 -7.08 12.64
C LYS A 287 0.19 -7.08 12.21
N ALA A 288 0.76 -5.91 11.93
CA ALA A 288 2.19 -5.85 11.62
C ALA A 288 3.04 -6.17 12.86
N GLU A 289 2.61 -5.71 14.03
CA GLU A 289 3.33 -6.04 15.26
C GLU A 289 3.17 -7.51 15.59
N ALA A 290 1.94 -8.02 15.54
CA ALA A 290 1.71 -9.45 15.63
C ALA A 290 2.61 -10.21 14.68
N ALA A 291 2.89 -9.64 13.50
CA ALA A 291 3.75 -10.32 12.54
C ALA A 291 5.21 -10.32 12.97
N GLU A 292 5.62 -9.36 13.80
CA GLU A 292 6.95 -9.38 14.38
C GLU A 292 7.10 -10.51 15.39
N GLN A 293 6.06 -10.78 16.19
CA GLN A 293 6.14 -11.96 17.05
C GLN A 293 6.11 -13.25 16.24
N ALA A 294 5.44 -13.24 15.10
CA ALA A 294 5.46 -14.44 14.26
C ALA A 294 6.83 -14.64 13.62
N ALA A 295 7.50 -13.55 13.23
CA ALA A 295 8.87 -13.67 12.74
C ALA A 295 9.84 -14.04 13.85
N LEU A 296 9.60 -13.62 15.09
CA LEU A 296 10.46 -14.07 16.18
C LEU A 296 10.28 -15.57 16.40
N ALA A 297 9.04 -16.04 16.47
CA ALA A 297 8.82 -17.48 16.57
C ALA A 297 9.43 -18.23 15.39
N ALA A 298 9.28 -17.70 14.18
CA ALA A 298 9.86 -18.39 13.03
C ALA A 298 11.38 -18.54 13.18
N ASN A 299 12.03 -17.53 13.76
CA ASN A 299 13.48 -17.58 13.92
C ASN A 299 13.88 -18.51 15.06
N GLN A 300 13.04 -18.64 16.08
CA GLN A 300 13.29 -19.64 17.12
C GLN A 300 13.26 -21.04 16.53
N GLU A 301 12.22 -21.35 15.74
CA GLU A 301 12.18 -22.64 15.06
C GLU A 301 13.38 -22.82 14.14
N SER A 302 13.78 -21.76 13.43
CA SER A 302 14.90 -21.90 12.49
C SER A 302 16.18 -22.31 13.21
N ASN A 303 16.46 -21.70 14.36
CA ASN A 303 17.68 -22.03 15.09
C ASN A 303 17.64 -23.47 15.61
N ILE A 304 16.48 -23.91 16.10
CA ILE A 304 16.31 -25.32 16.46
C ILE A 304 16.64 -26.21 15.26
N ALA A 305 16.29 -25.79 14.05
CA ALA A 305 16.59 -26.59 12.87
C ALA A 305 18.05 -26.45 12.47
N ARG A 306 18.64 -25.27 12.65
CA ARG A 306 20.05 -25.06 12.35
CA ARG A 306 20.04 -25.09 12.32
C ARG A 306 20.93 -25.95 13.22
N THR A 307 20.61 -26.01 14.52
CA THR A 307 21.43 -26.79 15.44
C THR A 307 21.22 -28.28 15.22
N LEU A 308 19.97 -28.72 15.06
CA LEU A 308 19.75 -30.13 14.78
C LEU A 308 20.41 -30.54 13.48
N ALA A 309 20.46 -29.64 12.50
CA ALA A 309 21.05 -29.96 11.20
C ALA A 309 22.57 -30.14 11.32
N ARG A 310 23.23 -29.25 12.07
CA ARG A 310 24.66 -29.45 12.35
C ARG A 310 24.90 -30.72 13.14
N GLU A 311 23.95 -31.12 14.01
CA GLU A 311 24.09 -32.33 14.80
C GLU A 311 23.74 -33.60 14.03
N LEU A 312 23.13 -33.48 12.84
CA LEU A 312 22.83 -34.63 12.00
C LEU A 312 23.67 -34.70 10.75
N ALA A 313 24.48 -33.68 10.48
CA ALA A 313 25.34 -33.62 9.30
C ALA A 313 26.28 -32.43 9.44
N PRO A 314 27.34 -32.55 10.24
CA PRO A 314 28.13 -31.34 10.59
C PRO A 314 28.85 -30.73 9.40
N ASP A 315 28.91 -31.42 8.26
CA ASP A 315 29.52 -30.89 7.05
C ASP A 315 28.51 -30.34 6.06
N PHE A 316 27.21 -30.51 6.32
CA PHE A 316 26.19 -29.97 5.41
C PHE A 316 26.19 -28.45 5.47
N TYR A 317 26.34 -27.82 4.30
CA TYR A 317 26.43 -26.36 4.22
C TYR A 317 25.05 -25.74 4.39
N GLN A 318 24.97 -24.73 5.25
CA GLN A 318 23.75 -23.93 5.38
C GLN A 318 23.95 -22.61 4.64
N PRO A 319 23.28 -22.37 3.51
CA PRO A 319 23.59 -21.17 2.72
C PRO A 319 22.87 -19.91 3.17
N GLY A 320 21.83 -20.04 3.99
CA GLY A 320 21.03 -18.90 4.41
C GLY A 320 21.83 -17.83 5.12
N PRO A 321 22.66 -18.23 6.09
CA PRO A 321 23.58 -17.26 6.70
C PRO A 321 24.35 -16.45 5.66
N GLU A 322 25.05 -17.10 4.74
CA GLU A 322 25.83 -16.36 3.75
C GLU A 322 24.93 -15.47 2.90
N TYR A 323 23.76 -15.97 2.51
CA TYR A 323 22.81 -15.15 1.77
C TYR A 323 22.60 -13.81 2.48
N GLN A 324 22.11 -13.86 3.72
CA GLN A 324 21.72 -12.64 4.41
C GLN A 324 22.87 -11.67 4.60
N LYS A 325 24.12 -12.14 4.65
CA LYS A 325 25.23 -11.21 4.66
C LYS A 325 25.31 -10.41 3.36
N ARG A 326 25.02 -11.04 2.23
CA ARG A 326 25.07 -10.37 0.93
C ARG A 326 23.80 -9.58 0.65
C1 IPA B . 3.11 2.48 -1.92
C2 IPA B . 2.98 1.20 -1.16
C3 IPA B . 3.99 1.05 -0.10
O2 IPA B . 3.13 0.10 -2.04
C1 IPA C . -24.48 19.85 -20.00
C2 IPA C . -24.93 20.91 -20.95
C3 IPA C . -25.02 20.42 -22.36
O2 IPA C . -24.03 22.00 -20.88
C1 IPA D . -7.12 -11.45 1.66
C2 IPA D . -6.63 -11.91 0.29
C3 IPA D . -5.36 -11.20 -0.18
O2 IPA D . -7.67 -11.78 -0.71
H11 IPA D . -7.93 -11.93 1.91
H12 IPA D . -7.31 -10.49 1.63
H13 IPA D . -6.43 -11.62 2.33
H2 IPA D . -6.44 -12.89 0.33
H31 IPA D . -5.08 -11.53 -1.06
H32 IPA D . -4.64 -11.36 0.46
H33 IPA D . -5.52 -10.24 -0.23
HO2 IPA D . -7.93 -10.97 -0.77
CAC FLC E . -13.26 -7.08 6.87
CA FLC E . -13.39 -6.93 5.36
CB FLC E . -14.75 -6.36 4.91
CBC FLC E . -15.88 -7.38 5.19
CG FLC E . -14.76 -5.97 3.41
CGC FLC E . -14.54 -7.05 2.33
OA1 FLC E . -13.84 -8.00 7.47
OA2 FLC E . -12.58 -6.28 7.55
OB1 FLC E . -16.87 -7.03 5.88
OB2 FLC E . -15.86 -8.56 4.77
OG1 FLC E . -14.81 -6.80 1.12
OG2 FLC E . -14.09 -8.18 2.59
OHB FLC E . -14.98 -5.15 5.62
HA1 FLC E . -13.23 -7.91 4.93
HA2 FLC E . -12.58 -6.31 4.99
HG1 FLC E . -13.99 -5.21 3.23
HG2 FLC E . -15.71 -5.47 3.18
HOB FLC E . -15.33 -5.28 6.49
#